data_4FXH
#
_entry.id   4FXH
#
_cell.length_a   46.631
_cell.length_b   61.443
_cell.length_c   63.904
_cell.angle_alpha   90.000
_cell.angle_beta   90.000
_cell.angle_gamma   90.000
#
_symmetry.space_group_name_H-M   'P 21 21 21'
#
loop_
_entity.id
_entity.type
_entity.pdbx_description
1 polymer 'mRNA interferase RelE'
2 non-polymer 'SULFATE ION'
3 water water
#
_entity_poly.entity_id   1
_entity_poly.type   'polypeptide(L)'
_entity_poly.pdbx_seq_one_letter_code
;MAYFLDFDERALKEWRKLGSTVREQLKKKLVEVLESPRIEANKLRGMPD(CME)YKIKLRSSGYRLVYQVIDEKVVVFVI
SVGKAERSEVYSEAVKRIL
;
_entity_poly.pdbx_strand_id   A,B
#
loop_
_chem_comp.id
_chem_comp.type
_chem_comp.name
_chem_comp.formula
SO4 non-polymer 'SULFATE ION' 'O4 S -2'
#
# COMPACT_ATOMS: atom_id res chain seq x y z
N ALA A 2 17.13 -14.67 16.04
CA ALA A 2 18.46 -15.20 15.75
C ALA A 2 19.18 -14.34 14.71
N TYR A 3 18.44 -13.41 14.11
CA TYR A 3 19.03 -12.45 13.19
C TYR A 3 19.26 -11.10 13.87
N PHE A 4 20.40 -10.49 13.57
CA PHE A 4 20.70 -9.14 14.02
C PHE A 4 19.91 -8.13 13.20
N LEU A 5 19.58 -6.99 13.81
CA LEU A 5 18.85 -5.92 13.14
C LEU A 5 19.80 -4.80 12.73
N ASP A 6 19.54 -4.21 11.58
CA ASP A 6 20.28 -3.04 11.14
C ASP A 6 19.37 -2.21 10.25
N PHE A 7 19.51 -0.89 10.32
CA PHE A 7 18.67 0.01 9.56
C PHE A 7 19.49 0.78 8.55
N ASP A 8 18.95 0.92 7.36
CA ASP A 8 19.53 1.84 6.40
C ASP A 8 19.30 3.24 6.96
N GLU A 9 20.29 4.10 6.83
CA GLU A 9 20.23 5.44 7.42
C GLU A 9 19.06 6.27 6.88
N ARG A 10 18.74 6.12 5.59
CA ARG A 10 17.58 6.80 5.04
C ARG A 10 16.30 6.25 5.68
N ALA A 11 16.27 4.94 5.90
CA ALA A 11 15.11 4.28 6.51
C ALA A 11 14.96 4.61 7.99
N LEU A 12 16.09 4.82 8.67
CA LEU A 12 16.06 5.23 10.06
C LEU A 12 15.53 6.66 10.17
N LYS A 13 15.95 7.51 9.24
CA LYS A 13 15.39 8.85 9.13
C LYS A 13 13.89 8.80 8.84
N GLU A 14 13.49 7.89 7.95
CA GLU A 14 12.06 7.69 7.64
C GLU A 14 11.30 7.23 8.88
N TRP A 15 11.96 6.38 9.66
CA TRP A 15 11.38 5.78 10.86
C TRP A 15 11.08 6.84 11.92
N ARG A 16 11.93 7.85 12.01
CA ARG A 16 11.79 8.91 13.01
C ARG A 16 10.71 9.92 12.63
N LYS A 17 9.93 9.63 11.59
CA LYS A 17 8.89 10.54 11.15
C LYS A 17 7.55 9.82 10.90
N LEU A 18 7.46 8.58 11.32
CA LEU A 18 6.22 7.81 11.14
C LEU A 18 5.18 8.17 12.19
N GLY A 19 5.65 8.56 13.37
CA GLY A 19 4.77 8.90 14.47
C GLY A 19 4.91 7.93 15.63
N SER A 20 4.31 8.30 16.76
CA SER A 20 4.38 7.48 17.97
C SER A 20 3.76 6.12 17.74
N THR A 21 2.51 6.12 17.28
CA THR A 21 1.70 4.91 17.15
C THR A 21 2.33 3.84 16.25
N VAL A 22 2.87 4.26 15.12
CA VAL A 22 3.36 3.31 14.11
C VAL A 22 4.67 2.62 14.47
N ARG A 23 5.72 3.41 14.70
CA ARG A 23 7.05 2.86 14.94
C ARG A 23 7.15 1.96 16.18
N GLU A 24 5.99 1.66 16.77
CA GLU A 24 5.91 0.76 17.90
C GLU A 24 5.33 -0.58 17.44
N GLN A 25 4.22 -0.50 16.71
CA GLN A 25 3.59 -1.70 16.16
C GLN A 25 4.48 -2.29 15.09
N LEU A 26 5.31 -1.45 14.49
CA LEU A 26 6.27 -1.91 13.50
C LEU A 26 7.48 -2.53 14.21
N LYS A 27 7.88 -1.92 15.32
CA LYS A 27 8.98 -2.42 16.13
C LYS A 27 8.67 -3.82 16.63
N LYS A 28 7.40 -4.05 16.96
CA LYS A 28 6.93 -5.34 17.42
C LYS A 28 7.02 -6.40 16.32
N LYS A 29 6.49 -6.08 15.15
CA LYS A 29 6.46 -7.01 14.03
C LYS A 29 7.87 -7.27 13.48
N LEU A 30 8.76 -6.31 13.69
CA LEU A 30 10.13 -6.42 13.22
C LEU A 30 10.93 -7.41 14.06
N VAL A 31 10.89 -7.22 15.38
CA VAL A 31 11.58 -8.11 16.31
C VAL A 31 11.05 -9.55 16.16
N GLU A 32 9.78 -9.67 15.78
CA GLU A 32 9.21 -10.97 15.48
C GLU A 32 9.85 -11.57 14.22
N VAL A 33 10.09 -10.72 13.22
CA VAL A 33 10.72 -11.12 11.96
C VAL A 33 12.14 -11.63 12.14
N LEU A 34 12.83 -11.09 13.15
CA LEU A 34 14.23 -11.45 13.41
C LEU A 34 14.44 -12.93 13.71
N GLU A 35 13.38 -13.60 14.16
CA GLU A 35 13.45 -15.03 14.46
C GLU A 35 13.59 -15.86 13.19
N SER A 36 12.79 -15.51 12.18
CA SER A 36 12.80 -16.22 10.91
C SER A 36 12.39 -15.26 9.81
N PRO A 37 13.37 -14.53 9.24
CA PRO A 37 13.14 -13.41 8.32
C PRO A 37 12.58 -13.81 6.96
N ARG A 38 13.01 -14.95 6.43
CA ARG A 38 12.58 -15.37 5.11
C ARG A 38 11.18 -15.94 5.14
N ILE A 39 10.19 -15.07 4.92
CA ILE A 39 8.79 -15.48 4.91
C ILE A 39 8.27 -15.42 3.48
N GLU A 40 8.05 -16.60 2.89
CA GLU A 40 7.61 -16.71 1.50
C GLU A 40 6.41 -15.83 1.17
N ALA A 41 5.52 -15.66 2.14
CA ALA A 41 4.29 -14.88 1.92
C ALA A 41 4.57 -13.37 1.90
N ASN A 42 5.80 -12.99 2.24
CA ASN A 42 6.17 -11.59 2.29
C ASN A 42 7.32 -11.23 1.36
N LYS A 43 7.76 -12.18 0.54
CA LYS A 43 8.89 -11.93 -0.35
C LYS A 43 8.49 -11.08 -1.55
N LEU A 44 9.22 -9.99 -1.78
CA LEU A 44 8.97 -9.12 -2.92
C LEU A 44 9.20 -9.88 -4.24
N ARG A 45 8.39 -9.56 -5.24
CA ARG A 45 8.48 -10.25 -6.53
C ARG A 45 9.81 -9.99 -7.22
N GLY A 46 10.42 -11.07 -7.71
CA GLY A 46 11.68 -10.97 -8.43
C GLY A 46 12.89 -10.70 -7.55
N MET A 47 12.64 -10.44 -6.27
CA MET A 47 13.69 -10.10 -5.31
C MET A 47 14.00 -11.29 -4.41
N PRO A 48 15.21 -11.85 -4.53
CA PRO A 48 15.61 -13.05 -3.78
C PRO A 48 15.78 -12.81 -2.27
N ASP A 49 16.09 -11.59 -1.87
CA ASP A 49 16.43 -11.32 -0.47
C ASP A 49 15.59 -10.23 0.19
N CME A 50 14.59 -9.73 -0.53
CA CME A 50 13.81 -8.59 -0.02
CB CME A 50 13.80 -7.46 -1.04
SG CME A 50 15.52 -6.93 -1.29
SD CME A 50 15.47 -4.96 -0.69
CE CME A 50 14.12 -4.29 -1.69
CZ CME A 50 14.32 -4.64 -3.17
OH CME A 50 13.08 -4.48 -3.85
C CME A 50 12.41 -9.02 0.36
O CME A 50 11.77 -9.77 -0.34
N TYR A 51 11.96 -8.54 1.51
CA TYR A 51 10.67 -8.93 2.07
C TYR A 51 9.92 -7.71 2.58
N LYS A 52 8.63 -7.87 2.83
CA LYS A 52 7.81 -6.76 3.30
C LYS A 52 7.22 -7.00 4.69
N ILE A 53 6.96 -5.90 5.40
CA ILE A 53 6.17 -5.91 6.63
C ILE A 53 5.01 -4.93 6.46
N LYS A 54 3.80 -5.36 6.80
CA LYS A 54 2.64 -4.49 6.65
C LYS A 54 2.10 -3.98 7.99
N ARG A 61 4.05 0.47 4.38
CA ARG A 61 4.73 -0.82 4.48
C ARG A 61 6.17 -0.64 4.97
N LEU A 62 6.82 -1.74 5.32
CA LEU A 62 8.26 -1.76 5.57
C LEU A 62 8.92 -2.81 4.68
N VAL A 63 10.12 -2.50 4.19
CA VAL A 63 10.87 -3.46 3.38
C VAL A 63 12.22 -3.72 4.01
N TYR A 64 12.62 -4.99 4.08
CA TYR A 64 13.93 -5.34 4.61
C TYR A 64 14.67 -6.30 3.71
N GLN A 65 15.99 -6.30 3.81
CA GLN A 65 16.84 -7.18 3.04
C GLN A 65 17.49 -8.21 3.98
N VAL A 66 17.41 -9.48 3.61
CA VAL A 66 18.01 -10.54 4.41
C VAL A 66 19.44 -10.78 3.96
N ILE A 67 20.38 -10.60 4.87
CA ILE A 67 21.79 -10.78 4.56
C ILE A 67 22.32 -11.98 5.34
N ASP A 68 22.26 -13.15 4.70
CA ASP A 68 22.62 -14.41 5.33
C ASP A 68 24.09 -14.42 5.77
N GLU A 69 24.94 -13.84 4.95
CA GLU A 69 26.38 -13.82 5.20
C GLU A 69 26.75 -13.14 6.54
N LYS A 70 25.86 -12.28 7.02
CA LYS A 70 26.07 -11.58 8.28
C LYS A 70 25.00 -11.95 9.30
N VAL A 71 24.01 -12.71 8.85
CA VAL A 71 22.80 -13.00 9.63
C VAL A 71 22.17 -11.70 10.10
N VAL A 72 22.07 -10.75 9.18
CA VAL A 72 21.54 -9.43 9.49
C VAL A 72 20.26 -9.16 8.71
N VAL A 73 19.22 -8.72 9.41
CA VAL A 73 18.03 -8.18 8.76
C VAL A 73 18.21 -6.68 8.58
N PHE A 74 18.28 -6.26 7.32
CA PHE A 74 18.59 -4.87 6.99
C PHE A 74 17.35 -4.13 6.52
N VAL A 75 16.77 -3.33 7.41
CA VAL A 75 15.60 -2.53 7.07
C VAL A 75 16.00 -1.41 6.12
N ILE A 76 15.45 -1.43 4.92
CA ILE A 76 15.91 -0.53 3.88
C ILE A 76 14.93 0.60 3.57
N SER A 77 13.63 0.31 3.64
CA SER A 77 12.62 1.27 3.32
C SER A 77 11.41 1.08 4.22
N VAL A 78 10.90 2.19 4.76
CA VAL A 78 9.71 2.16 5.59
C VAL A 78 8.87 3.40 5.31
N GLY A 79 7.56 3.21 5.11
CA GLY A 79 6.69 4.32 4.77
C GLY A 79 5.21 4.02 4.79
N LYS A 80 4.53 4.40 3.72
CA LYS A 80 3.06 4.34 3.67
C LYS A 80 2.58 3.99 2.28
N ALA A 81 1.35 3.46 2.19
CA ALA A 81 0.75 3.07 0.92
C ALA A 81 0.63 4.24 -0.07
N GLU A 82 0.08 5.36 0.39
CA GLU A 82 -0.08 6.52 -0.46
C GLU A 82 0.83 7.66 0.00
N ARG A 83 0.75 8.79 -0.70
CA ARG A 83 1.40 10.00 -0.24
C ARG A 83 0.69 10.49 1.00
N SER A 84 1.42 11.23 1.85
CA SER A 84 0.82 11.75 3.08
C SER A 84 -0.34 12.69 2.77
N GLU A 85 -0.28 13.34 1.62
CA GLU A 85 -1.32 14.30 1.25
C GLU A 85 -2.64 13.62 0.90
N VAL A 86 -2.55 12.41 0.35
CA VAL A 86 -3.75 11.66 -0.05
C VAL A 86 -4.62 11.30 1.14
N TYR A 87 -4.00 10.81 2.21
CA TYR A 87 -4.73 10.50 3.42
C TYR A 87 -5.33 11.76 4.04
N SER A 88 -4.54 12.83 4.03
CA SER A 88 -4.96 14.12 4.56
C SER A 88 -6.15 14.68 3.77
N GLU A 89 -6.06 14.65 2.45
CA GLU A 89 -7.15 15.11 1.59
C GLU A 89 -8.38 14.23 1.75
N ALA A 90 -8.15 12.95 2.03
CA ALA A 90 -9.24 12.00 2.24
C ALA A 90 -10.00 12.33 3.53
N VAL A 91 -9.26 12.73 4.56
CA VAL A 91 -9.88 13.14 5.82
C VAL A 91 -10.73 14.40 5.61
N LYS A 92 -10.17 15.38 4.91
CA LYS A 92 -10.89 16.60 4.58
C LYS A 92 -12.12 16.33 3.71
N ARG A 93 -11.97 15.42 2.74
CA ARG A 93 -13.03 15.16 1.76
C ARG A 93 -14.31 14.65 2.40
N ILE A 94 -14.18 14.02 3.56
CA ILE A 94 -15.30 13.38 4.22
C ILE A 94 -15.90 14.25 5.33
N LEU A 95 -15.34 15.44 5.52
CA LEU A 95 -15.83 16.34 6.57
C LEU A 95 -17.10 17.07 6.16
N ALA B 2 -27.77 6.02 -9.41
CA ALA B 2 -26.69 5.35 -8.69
C ALA B 2 -25.80 6.35 -7.96
N TYR B 3 -24.67 5.87 -7.47
CA TYR B 3 -23.64 6.73 -6.90
C TYR B 3 -22.87 7.37 -8.04
N PHE B 4 -22.41 8.60 -7.88
CA PHE B 4 -21.60 9.24 -8.91
C PHE B 4 -20.14 8.81 -8.80
N LEU B 5 -19.49 8.68 -9.94
CA LEU B 5 -18.11 8.25 -10.01
C LEU B 5 -17.19 9.43 -10.31
N ASP B 6 -16.40 9.82 -9.31
CA ASP B 6 -15.44 10.90 -9.48
C ASP B 6 -14.02 10.35 -9.34
N PHE B 7 -13.12 10.83 -10.19
CA PHE B 7 -11.76 10.31 -10.22
C PHE B 7 -10.72 11.32 -9.73
N ASP B 8 -9.84 10.87 -8.85
CA ASP B 8 -8.69 11.68 -8.46
C ASP B 8 -7.81 11.90 -9.68
N GLU B 9 -7.37 13.13 -9.88
CA GLU B 9 -6.61 13.52 -11.07
C GLU B 9 -5.41 12.61 -11.34
N ARG B 10 -4.73 12.19 -10.29
CA ARG B 10 -3.58 11.31 -10.42
C ARG B 10 -4.03 9.89 -10.74
N ALA B 11 -5.05 9.42 -10.04
CA ALA B 11 -5.47 8.03 -10.18
C ALA B 11 -5.89 7.69 -11.62
N LEU B 12 -6.30 8.71 -12.37
CA LEU B 12 -6.73 8.51 -13.75
C LEU B 12 -5.54 8.46 -14.70
N LYS B 13 -4.45 9.13 -14.32
CA LYS B 13 -3.23 9.00 -15.10
C LYS B 13 -2.56 7.66 -14.76
N GLU B 14 -2.81 7.15 -13.56
CA GLU B 14 -2.37 5.82 -13.16
CA GLU B 14 -2.34 5.83 -13.21
C GLU B 14 -3.18 4.78 -13.93
N TRP B 15 -4.45 5.10 -14.13
CA TRP B 15 -5.42 4.21 -14.74
C TRP B 15 -5.12 3.78 -16.18
N ARG B 16 -4.39 4.61 -16.94
CA ARG B 16 -3.93 4.15 -18.24
C ARG B 16 -2.78 3.14 -18.06
N LYS B 17 -3.16 1.95 -17.62
CA LYS B 17 -2.24 0.86 -17.33
C LYS B 17 -2.34 -0.22 -18.36
N LEU B 18 -1.95 -1.42 -17.96
CA LEU B 18 -2.20 -2.57 -18.78
C LEU B 18 -3.70 -2.80 -18.76
N GLY B 19 -4.43 -2.13 -19.65
CA GLY B 19 -5.88 -2.23 -19.70
C GLY B 19 -6.39 -3.01 -20.89
N SER B 20 -5.50 -3.88 -21.35
CA SER B 20 -5.83 -5.07 -22.09
C SER B 20 -7.06 -5.70 -21.49
N THR B 21 -6.86 -6.27 -20.31
CA THR B 21 -7.87 -7.02 -19.58
C THR B 21 -8.04 -6.47 -18.14
N VAL B 22 -6.99 -5.87 -17.58
CA VAL B 22 -7.03 -5.33 -16.21
C VAL B 22 -8.03 -4.18 -16.07
N ARG B 23 -8.13 -3.39 -17.14
CA ARG B 23 -9.14 -2.34 -17.28
C ARG B 23 -10.55 -2.83 -16.99
N GLU B 24 -11.09 -3.65 -17.88
CA GLU B 24 -12.47 -4.12 -17.75
C GLU B 24 -12.67 -4.93 -16.47
N GLN B 25 -11.64 -5.66 -16.06
CA GLN B 25 -11.70 -6.39 -14.81
C GLN B 25 -11.90 -5.43 -13.64
N LEU B 26 -11.11 -4.37 -13.62
CA LEU B 26 -11.25 -3.34 -12.59
C LEU B 26 -12.55 -2.58 -12.79
N LYS B 27 -12.91 -2.36 -14.06
CA LYS B 27 -14.10 -1.58 -14.39
C LYS B 27 -15.39 -2.30 -13.98
N LYS B 28 -15.46 -3.62 -14.24
CA LYS B 28 -16.59 -4.43 -13.81
C LYS B 28 -16.83 -4.27 -12.32
N LYS B 29 -15.75 -4.30 -11.55
CA LYS B 29 -15.85 -4.23 -10.10
C LYS B 29 -16.17 -2.83 -9.62
N LEU B 30 -15.66 -1.83 -10.33
CA LEU B 30 -15.90 -0.43 -9.99
C LEU B 30 -17.31 0.00 -10.37
N VAL B 31 -17.73 -0.32 -11.59
CA VAL B 31 -19.07 0.01 -12.05
C VAL B 31 -20.12 -0.63 -11.13
N GLU B 32 -19.83 -1.85 -10.69
CA GLU B 32 -20.72 -2.55 -9.77
C GLU B 32 -20.78 -1.83 -8.43
N VAL B 33 -19.63 -1.30 -8.00
CA VAL B 33 -19.56 -0.53 -6.76
C VAL B 33 -20.43 0.72 -6.85
N LEU B 34 -20.53 1.30 -8.04
CA LEU B 34 -21.36 2.49 -8.25
C LEU B 34 -22.83 2.26 -7.85
N GLU B 35 -23.22 1.00 -7.79
CA GLU B 35 -24.55 0.62 -7.32
CA GLU B 35 -24.54 0.63 -7.32
C GLU B 35 -24.57 0.55 -5.79
N SER B 36 -23.68 -0.25 -5.23
CA SER B 36 -23.56 -0.40 -3.79
C SER B 36 -22.08 -0.36 -3.39
N PRO B 37 -21.58 0.85 -3.10
CA PRO B 37 -20.15 1.10 -2.91
C PRO B 37 -19.62 0.67 -1.55
N ARG B 38 -20.47 0.68 -0.54
CA ARG B 38 -20.07 0.25 0.79
C ARG B 38 -20.15 -1.27 0.92
N ILE B 39 -19.08 -1.93 0.50
CA ILE B 39 -18.95 -3.37 0.66
C ILE B 39 -18.15 -3.64 1.92
N GLU B 40 -18.85 -4.02 2.97
CA GLU B 40 -18.28 -4.15 4.32
C GLU B 40 -16.98 -4.97 4.40
N ALA B 41 -16.81 -5.91 3.47
CA ALA B 41 -15.66 -6.80 3.49
C ALA B 41 -14.38 -6.10 3.00
N ASN B 42 -14.55 -5.07 2.18
CA ASN B 42 -13.41 -4.42 1.53
C ASN B 42 -13.03 -3.07 2.12
N LYS B 43 -13.40 -2.82 3.37
CA LYS B 43 -13.12 -1.52 3.98
C LYS B 43 -11.72 -1.44 4.58
N LEU B 44 -11.12 -0.26 4.49
CA LEU B 44 -9.81 -0.01 5.08
C LEU B 44 -10.00 0.54 6.49
N ARG B 45 -9.43 -0.15 7.46
CA ARG B 45 -9.71 0.11 8.87
C ARG B 45 -9.28 1.51 9.36
N GLY B 46 -7.98 1.77 9.41
CA GLY B 46 -7.49 3.05 9.92
C GLY B 46 -7.68 4.24 8.98
N MET B 47 -8.84 4.31 8.33
CA MET B 47 -9.10 5.31 7.30
C MET B 47 -10.52 5.89 7.42
N PRO B 48 -10.78 7.03 6.74
CA PRO B 48 -12.16 7.52 6.74
C PRO B 48 -12.95 7.09 5.50
N ASP B 49 -13.86 6.12 5.67
CA ASP B 49 -14.82 5.71 4.65
C ASP B 49 -14.13 5.28 3.38
N CME B 50 -12.97 4.63 3.49
CA CME B 50 -12.23 4.20 2.28
CB CME B 50 -10.78 4.65 2.43
SG CME B 50 -10.61 6.32 1.75
SD CME B 50 -9.34 7.15 3.13
CE CME B 50 -7.81 6.26 2.73
CZ CME B 50 -6.95 7.06 1.76
OH CME B 50 -5.61 6.59 1.85
C CME B 50 -12.33 2.71 2.14
O CME B 50 -12.31 1.98 3.10
N TYR B 51 -12.42 2.26 0.90
CA TYR B 51 -12.54 0.85 0.60
C TYR B 51 -11.56 0.46 -0.50
N LYS B 52 -11.42 -0.84 -0.73
CA LYS B 52 -10.48 -1.30 -1.75
C LYS B 52 -11.13 -2.22 -2.76
N ILE B 53 -10.68 -2.12 -4.00
CA ILE B 53 -10.98 -3.12 -5.01
C ILE B 53 -9.66 -3.71 -5.45
N LYS B 54 -9.56 -5.02 -5.43
CA LYS B 54 -8.31 -5.67 -5.84
C LYS B 54 -8.53 -6.81 -6.83
N LEU B 55 -7.61 -6.94 -7.76
CA LEU B 55 -7.54 -8.08 -8.64
C LEU B 55 -6.41 -8.95 -8.15
N ARG B 56 -6.76 -10.07 -7.54
CA ARG B 56 -5.80 -10.96 -6.91
C ARG B 56 -4.87 -11.62 -7.92
N SER B 57 -5.40 -11.95 -9.09
CA SER B 57 -4.64 -12.68 -10.09
C SER B 57 -3.55 -11.81 -10.72
N SER B 58 -3.77 -10.50 -10.74
CA SER B 58 -2.85 -9.57 -11.40
C SER B 58 -2.11 -8.66 -10.42
N GLY B 59 -2.65 -8.51 -9.22
CA GLY B 59 -2.00 -7.73 -8.18
C GLY B 59 -2.26 -6.24 -8.27
N TYR B 60 -3.35 -5.87 -8.93
CA TYR B 60 -3.73 -4.48 -9.03
C TYR B 60 -4.71 -4.09 -7.92
N ARG B 61 -4.47 -2.93 -7.32
CA ARG B 61 -5.26 -2.46 -6.17
C ARG B 61 -5.84 -1.09 -6.44
N LEU B 62 -7.14 -0.95 -6.20
CA LEU B 62 -7.81 0.33 -6.32
C LEU B 62 -8.39 0.75 -4.97
N VAL B 63 -8.23 2.02 -4.63
CA VAL B 63 -8.84 2.56 -3.43
C VAL B 63 -9.87 3.62 -3.79
N TYR B 64 -11.04 3.54 -3.18
CA TYR B 64 -12.05 4.55 -3.37
C TYR B 64 -12.57 5.07 -2.04
N GLN B 65 -13.29 6.19 -2.10
CA GLN B 65 -13.85 6.80 -0.90
C GLN B 65 -15.32 7.09 -1.14
N VAL B 66 -16.14 6.69 -0.18
CA VAL B 66 -17.58 6.91 -0.28
C VAL B 66 -18.02 8.17 0.46
N ILE B 67 -18.53 9.13 -0.29
CA ILE B 67 -18.99 10.38 0.29
C ILE B 67 -20.51 10.40 0.33
N ASP B 68 -21.07 10.17 1.52
CA ASP B 68 -22.52 10.09 1.65
C ASP B 68 -23.24 11.43 1.60
N GLU B 69 -22.49 12.52 1.66
CA GLU B 69 -23.09 13.84 1.60
C GLU B 69 -23.08 14.41 0.19
N LYS B 70 -22.89 13.54 -0.81
CA LYS B 70 -22.71 13.99 -2.18
C LYS B 70 -23.05 12.92 -3.23
N VAL B 71 -23.51 11.75 -2.76
CA VAL B 71 -23.64 10.54 -3.60
C VAL B 71 -22.49 10.33 -4.60
N VAL B 72 -21.26 10.51 -4.11
CA VAL B 72 -20.07 10.38 -4.95
C VAL B 72 -19.15 9.27 -4.49
N VAL B 73 -18.71 8.43 -5.44
CA VAL B 73 -17.64 7.49 -5.18
C VAL B 73 -16.35 8.07 -5.74
N PHE B 74 -15.44 8.42 -4.84
CA PHE B 74 -14.19 9.08 -5.24
C PHE B 74 -13.05 8.07 -5.24
N VAL B 75 -12.55 7.77 -6.44
CA VAL B 75 -11.44 6.85 -6.58
C VAL B 75 -10.17 7.49 -6.05
N ILE B 76 -9.73 7.04 -4.88
CA ILE B 76 -8.55 7.59 -4.21
C ILE B 76 -7.27 7.34 -5.01
N SER B 77 -7.05 6.09 -5.38
CA SER B 77 -5.85 5.73 -6.12
C SER B 77 -6.02 4.40 -6.80
N VAL B 78 -5.04 4.06 -7.63
CA VAL B 78 -5.03 2.76 -8.26
C VAL B 78 -3.60 2.39 -8.64
N GLY B 79 -3.24 1.12 -8.48
CA GLY B 79 -1.92 0.67 -8.85
C GLY B 79 -1.68 -0.80 -8.59
N LYS B 80 -0.47 -1.25 -8.94
CA LYS B 80 -0.08 -2.63 -8.71
C LYS B 80 0.63 -2.76 -7.37
N ALA B 81 0.54 -3.93 -6.76
CA ALA B 81 1.24 -4.19 -5.50
C ALA B 81 2.74 -4.10 -5.69
N GLU B 82 3.42 -3.63 -4.67
CA GLU B 82 4.88 -3.45 -4.69
C GLU B 82 5.34 -2.45 -5.74
N ARG B 83 4.62 -1.34 -5.86
CA ARG B 83 4.95 -0.31 -6.84
C ARG B 83 4.96 1.09 -6.22
N SER B 84 4.53 1.21 -4.97
CA SER B 84 4.52 2.50 -4.29
C SER B 84 5.93 3.00 -4.00
N GLU B 85 6.02 4.22 -3.46
CA GLU B 85 7.30 4.87 -3.23
C GLU B 85 8.22 4.09 -2.29
N VAL B 86 7.62 3.35 -1.35
CA VAL B 86 8.38 2.55 -0.40
C VAL B 86 9.20 1.51 -1.15
N TYR B 87 8.57 0.90 -2.15
CA TYR B 87 9.23 -0.10 -2.97
C TYR B 87 10.21 0.51 -3.96
N SER B 88 9.88 1.67 -4.52
CA SER B 88 10.77 2.32 -5.46
C SER B 88 12.03 2.84 -4.76
N GLU B 89 11.87 3.30 -3.52
CA GLU B 89 13.03 3.69 -2.71
C GLU B 89 13.85 2.48 -2.30
N ALA B 90 13.18 1.35 -2.10
CA ALA B 90 13.82 0.11 -1.66
C ALA B 90 14.81 -0.40 -2.70
N VAL B 91 14.41 -0.40 -3.96
CA VAL B 91 15.27 -0.89 -5.04
C VAL B 91 16.46 0.04 -5.31
N LYS B 92 16.27 1.33 -5.08
CA LYS B 92 17.37 2.27 -5.29
C LYS B 92 18.46 2.09 -4.25
N ARG B 93 18.06 1.81 -3.01
CA ARG B 93 18.99 1.76 -1.90
C ARG B 93 19.82 0.48 -1.81
N ILE B 94 19.40 -0.56 -2.53
CA ILE B 94 20.21 -1.78 -2.60
C ILE B 94 21.24 -1.68 -3.71
N LEU B 95 21.04 -0.75 -4.62
CA LEU B 95 21.95 -0.54 -5.74
C LEU B 95 23.31 -0.07 -5.22
S SO4 C . -10.31 -11.60 -8.08
O1 SO4 C . -9.84 -12.97 -8.18
O2 SO4 C . -10.59 -11.07 -9.41
O3 SO4 C . -11.52 -11.55 -7.27
O4 SO4 C . -9.28 -10.78 -7.44
#